data_4LHJ
#
_entry.id   4LHJ
#
_cell.length_a   81.419
_cell.length_b   103.782
_cell.length_c   42.086
_cell.angle_alpha   90.000
_cell.angle_beta   90.000
_cell.angle_gamma   90.000
#
_symmetry.space_group_name_H-M   'P 21 21 2'
#
loop_
_entity.id
_entity.type
_entity.pdbx_description
1 polymer Ricin
2 polymer 'Camelid antibody'
3 non-polymer 'CHLORIDE ION'
4 water water
#
loop_
_entity_poly.entity_id
_entity_poly.type
_entity_poly.pdbx_seq_one_letter_code
_entity_poly.pdbx_strand_id
1 'polypeptide(L)'
;KQYPIINFTTAGATVQSYTNFIRAVRGRLTTGADVRHEIPVLPNRVGLPINQRFILVELSNHAELSVTLALDVTNAYVVG
YRAGNSAYFFHPDNQEDAEAITHLFTDVQNRYTFAFGGNYDRLEQLAGNLRENIELGNGPLEEAISALYYYSTGGTQLPT
LARSFIICIQMISEAARFQYIEGEMRTRIRYNRRSAPDPSVITLENSWGRLSTAIQESNQGAFASPIQLQRRNGSKFSVY
DVSILIPIIALMVYRCAPP
;
A
2 'polypeptide(L)'
;QVQLVESGGGLVQAGGSLRLSCAASGSIVNFETMGWYRQAPGKERELVATITNEGSSNYADSVKGRFTISGDNAKNTVSL
QMNSLKPEDTAVYYCSATFGSRWPYAHSDHWGQGTQVTVS
;
B
#
loop_
_chem_comp.id
_chem_comp.type
_chem_comp.name
_chem_comp.formula
CL non-polymer 'CHLORIDE ION' 'Cl -1'
#
# COMPACT_ATOMS: atom_id res chain seq x y z
N LYS A 1 29.41 -17.02 -18.84
CA LYS A 1 28.84 -15.88 -18.17
C LYS A 1 27.33 -16.07 -17.81
N GLN A 2 26.61 -15.03 -17.36
CA GLN A 2 25.62 -15.24 -16.29
C GLN A 2 24.47 -14.23 -16.14
N TYR A 3 23.41 -14.60 -15.39
CA TYR A 3 22.37 -13.60 -15.01
C TYR A 3 23.01 -12.63 -14.00
N PRO A 4 22.50 -11.40 -13.98
CA PRO A 4 23.05 -10.40 -13.08
C PRO A 4 22.76 -10.77 -11.64
N ILE A 5 23.63 -10.38 -10.72
CA ILE A 5 23.38 -10.62 -9.30
C ILE A 5 23.56 -9.27 -8.55
N ILE A 6 22.70 -9.05 -7.58
CA ILE A 6 22.73 -7.89 -6.70
C ILE A 6 22.84 -8.45 -5.28
N ASN A 7 23.70 -7.84 -4.47
CA ASN A 7 24.03 -8.33 -3.10
C ASN A 7 23.39 -7.47 -2.05
N PHE A 8 22.90 -8.09 -0.98
CA PHE A 8 22.51 -7.31 0.17
C PHE A 8 22.78 -8.12 1.38
N THR A 9 23.27 -7.47 2.43
CA THR A 9 23.36 -8.17 3.73
C THR A 9 22.51 -7.48 4.81
N THR A 10 21.81 -8.27 5.62
CA THR A 10 21.19 -7.73 6.83
C THR A 10 22.16 -7.28 7.93
N ALA A 11 23.43 -7.68 7.84
CA ALA A 11 24.38 -7.43 8.90
C ALA A 11 24.79 -5.96 8.83
N GLY A 12 24.47 -5.19 9.87
CA GLY A 12 24.73 -3.75 9.82
C GLY A 12 23.93 -2.99 8.76
N ALA A 13 22.80 -3.54 8.34
CA ALA A 13 21.94 -2.85 7.36
C ALA A 13 21.50 -1.48 7.86
N THR A 14 21.43 -0.53 6.92
CA THR A 14 21.06 0.81 7.26
C THR A 14 19.95 1.21 6.30
N VAL A 15 19.29 2.29 6.59
CA VAL A 15 18.34 2.81 5.61
C VAL A 15 19.02 3.00 4.25
N GLN A 16 20.25 3.52 4.26
CA GLN A 16 20.93 3.76 3.00
C GLN A 16 21.24 2.46 2.22
N SER A 17 21.78 1.45 2.90
CA SER A 17 22.14 0.18 2.22
C SER A 17 20.91 -0.50 1.62
N TYR A 18 19.82 -0.51 2.37
CA TYR A 18 18.58 -1.13 1.93
C TYR A 18 17.98 -0.38 0.71
N THR A 19 17.92 0.95 0.83
CA THR A 19 17.39 1.78 -0.23
C THR A 19 18.20 1.58 -1.52
N ASN A 20 19.52 1.61 -1.42
CA ASN A 20 20.36 1.52 -2.60
C ASN A 20 20.29 0.11 -3.19
N PHE A 21 20.11 -0.87 -2.33
CA PHE A 21 19.89 -2.24 -2.80
C PHE A 21 18.62 -2.38 -3.63
N ILE A 22 17.50 -1.89 -3.09
CA ILE A 22 16.22 -1.94 -3.81
C ILE A 22 16.32 -1.15 -5.11
N ARG A 23 16.98 0.00 -5.09
CA ARG A 23 17.15 0.74 -6.32
C ARG A 23 17.97 -0.06 -7.37
N ALA A 24 19.02 -0.74 -6.93
CA ALA A 24 19.77 -1.57 -7.84
C ALA A 24 18.93 -2.68 -8.41
N VAL A 25 18.15 -3.33 -7.56
CA VAL A 25 17.26 -4.38 -8.04
C VAL A 25 16.29 -3.87 -9.14
N ARG A 26 15.62 -2.76 -8.89
CA ARG A 26 14.74 -2.20 -9.92
C ARG A 26 15.47 -1.95 -11.23
N GLY A 27 16.74 -1.56 -11.16
CA GLY A 27 17.49 -1.17 -12.37
C GLY A 27 17.73 -2.40 -13.21
N ARG A 28 17.73 -3.56 -12.58
CA ARG A 28 18.06 -4.74 -13.39
C ARG A 28 16.74 -5.35 -13.86
N LEU A 29 15.64 -4.89 -13.30
CA LEU A 29 14.29 -5.41 -13.64
C LEU A 29 13.65 -4.77 -14.88
N THR A 30 13.73 -3.45 -14.99
CA THR A 30 13.11 -2.75 -16.10
C THR A 30 14.21 -2.21 -16.98
N THR A 31 13.91 -2.05 -18.26
CA THR A 31 14.89 -1.51 -19.16
C THR A 31 14.96 -0.01 -19.09
N GLY A 32 13.88 0.62 -18.62
CA GLY A 32 13.80 2.05 -18.68
C GLY A 32 13.25 2.50 -20.01
N ALA A 33 13.07 1.58 -20.97
CA ALA A 33 12.55 2.00 -22.28
C ALA A 33 11.00 2.08 -22.39
N ASP A 34 10.31 1.44 -21.44
CA ASP A 34 8.86 1.46 -21.46
C ASP A 34 8.40 2.07 -20.12
N VAL A 35 7.86 3.28 -20.21
CA VAL A 35 7.41 3.99 -19.04
C VAL A 35 6.06 4.55 -19.44
N ARG A 36 5.09 4.34 -18.58
CA ARG A 36 3.74 4.78 -18.89
C ARG A 36 3.22 5.59 -17.73
N HIS A 37 2.80 6.82 -18.03
CA HIS A 37 2.38 7.76 -17.02
C HIS A 37 3.42 7.86 -15.93
N GLU A 38 4.70 7.84 -16.33
CA GLU A 38 5.83 7.93 -15.39
C GLU A 38 6.15 6.67 -14.60
N ILE A 39 5.37 5.62 -14.79
CA ILE A 39 5.67 4.36 -14.12
C ILE A 39 6.24 3.31 -15.07
N PRO A 40 7.49 2.85 -14.82
CA PRO A 40 8.17 1.84 -15.64
C PRO A 40 7.41 0.50 -15.80
N VAL A 41 7.46 -0.06 -17.01
CA VAL A 41 6.80 -1.35 -17.25
C VAL A 41 7.88 -2.44 -17.37
N LEU A 42 7.63 -3.61 -16.76
CA LEU A 42 8.53 -4.73 -16.84
C LEU A 42 8.51 -5.35 -18.23
N PRO A 43 9.60 -6.05 -18.59
CA PRO A 43 9.65 -6.66 -19.93
C PRO A 43 8.48 -7.62 -20.20
N ASN A 44 7.99 -7.59 -21.43
CA ASN A 44 6.90 -8.45 -21.90
C ASN A 44 7.42 -9.89 -22.00
N ARG A 45 6.77 -10.82 -21.31
CA ARG A 45 7.17 -12.22 -21.36
C ARG A 45 7.19 -12.79 -22.78
N VAL A 46 6.35 -12.29 -23.67
CA VAL A 46 6.28 -12.91 -25.00
C VAL A 46 7.49 -12.55 -25.85
N GLY A 47 8.24 -13.57 -26.26
CA GLY A 47 9.43 -13.37 -27.07
C GLY A 47 10.69 -12.96 -26.32
N LEU A 48 10.65 -12.93 -24.98
CA LEU A 48 11.78 -12.45 -24.18
C LEU A 48 12.88 -13.51 -24.18
N PRO A 49 14.09 -13.14 -24.64
CA PRO A 49 15.16 -14.15 -24.68
C PRO A 49 15.46 -14.69 -23.29
N ILE A 50 15.66 -16.00 -23.23
CA ILE A 50 15.91 -16.64 -21.94
C ILE A 50 17.12 -16.03 -21.22
N ASN A 51 18.10 -15.48 -21.95
CA ASN A 51 19.25 -14.88 -21.26
C ASN A 51 18.95 -13.53 -20.61
N GLN A 52 17.76 -12.97 -20.91
CA GLN A 52 17.24 -11.76 -20.27
C GLN A 52 16.17 -11.93 -19.16
N ARG A 53 15.84 -13.19 -18.88
CA ARG A 53 14.61 -13.52 -18.17
C ARG A 53 14.69 -13.40 -16.65
N PHE A 54 15.89 -13.59 -16.08
CA PHE A 54 16.02 -13.69 -14.60
C PHE A 54 17.08 -12.76 -14.06
N ILE A 55 16.94 -12.36 -12.79
CA ILE A 55 18.08 -11.78 -12.10
C ILE A 55 18.21 -12.51 -10.77
N LEU A 56 19.39 -12.47 -10.19
CA LEU A 56 19.68 -13.20 -8.95
C LEU A 56 19.88 -12.18 -7.82
N VAL A 57 19.41 -12.51 -6.59
CA VAL A 57 19.65 -11.61 -5.48
C VAL A 57 20.36 -12.41 -4.39
N GLU A 58 21.55 -12.01 -4.04
CA GLU A 58 22.34 -12.72 -3.07
C GLU A 58 22.16 -12.08 -1.72
N LEU A 59 21.59 -12.88 -0.82
CA LEU A 59 21.23 -12.38 0.52
C LEU A 59 22.13 -13.03 1.53
N SER A 60 22.68 -12.25 2.44
CA SER A 60 23.53 -12.75 3.50
C SER A 60 23.10 -12.17 4.82
N ASN A 61 23.57 -12.73 5.92
CA ASN A 61 23.12 -12.22 7.21
C ASN A 61 24.24 -12.15 8.24
N HIS A 62 23.93 -11.79 9.47
CA HIS A 62 24.97 -11.60 10.48
C HIS A 62 25.52 -12.98 10.93
N ALA A 63 24.74 -14.03 10.68
CA ALA A 63 25.17 -15.36 11.03
C ALA A 63 26.12 -15.87 9.94
N GLU A 64 26.38 -15.03 8.94
CA GLU A 64 27.25 -15.31 7.78
C GLU A 64 26.74 -16.41 6.82
N LEU A 65 25.43 -16.59 6.76
CA LEU A 65 24.84 -17.58 5.86
C LEU A 65 24.36 -16.82 4.66
N SER A 66 24.37 -17.47 3.53
CA SER A 66 23.96 -16.81 2.29
C SER A 66 23.02 -17.72 1.53
N VAL A 67 22.05 -17.10 0.84
CA VAL A 67 21.18 -17.77 -0.14
C VAL A 67 21.05 -16.85 -1.34
N THR A 68 20.79 -17.40 -2.52
CA THR A 68 20.54 -16.55 -3.68
C THR A 68 19.14 -16.76 -4.18
N LEU A 69 18.35 -15.72 -4.22
CA LEU A 69 17.00 -15.79 -4.80
C LEU A 69 17.04 -15.52 -6.28
N ALA A 70 16.22 -16.26 -7.03
CA ALA A 70 15.97 -15.95 -8.44
C ALA A 70 14.65 -15.16 -8.59
N LEU A 71 14.70 -14.00 -9.27
CA LEU A 71 13.48 -13.22 -9.59
C LEU A 71 13.20 -13.25 -11.10
N ASP A 72 11.94 -13.40 -11.46
CA ASP A 72 11.50 -13.32 -12.86
C ASP A 72 11.42 -11.84 -13.23
N VAL A 73 12.10 -11.39 -14.27
CA VAL A 73 12.00 -9.95 -14.59
C VAL A 73 10.59 -9.54 -15.06
N THR A 74 9.78 -10.52 -15.48
CA THR A 74 8.50 -10.13 -16.10
C THR A 74 7.51 -9.74 -15.00
N ASN A 75 7.64 -10.38 -13.84
CA ASN A 75 6.85 -9.96 -12.67
C ASN A 75 7.53 -9.41 -11.41
N ALA A 76 8.87 -9.40 -11.36
CA ALA A 76 9.64 -9.13 -10.10
C ALA A 76 9.41 -10.12 -8.96
N TYR A 77 8.89 -11.29 -9.27
CA TYR A 77 8.57 -12.25 -8.19
C TYR A 77 9.59 -13.40 -8.09
N VAL A 78 9.76 -13.94 -6.88
CA VAL A 78 10.77 -14.99 -6.58
C VAL A 78 10.26 -16.29 -7.19
N VAL A 79 11.06 -16.93 -8.05
CA VAL A 79 10.69 -18.25 -8.61
C VAL A 79 11.40 -19.44 -7.94
N GLY A 80 12.37 -19.15 -7.07
CA GLY A 80 13.19 -20.19 -6.45
C GLY A 80 14.44 -19.63 -5.81
N TYR A 81 15.27 -20.48 -5.15
CA TYR A 81 16.48 -19.99 -4.57
C TYR A 81 17.50 -21.10 -4.49
N ARG A 82 18.73 -20.71 -4.28
CA ARG A 82 19.84 -21.66 -4.12
C ARG A 82 20.44 -21.47 -2.72
N ALA A 83 20.74 -22.59 -2.07
CA ALA A 83 21.53 -22.57 -0.85
C ALA A 83 22.50 -23.73 -0.92
N GLY A 84 23.81 -23.43 -0.77
CA GLY A 84 24.84 -24.46 -0.92
C GLY A 84 24.76 -25.16 -2.28
N ASN A 85 24.59 -26.46 -2.23
CA ASN A 85 24.62 -27.31 -3.41
C ASN A 85 23.28 -27.64 -4.03
N SER A 86 22.23 -27.02 -3.51
CA SER A 86 20.86 -27.31 -3.88
C SER A 86 20.12 -26.05 -4.33
N ALA A 87 19.28 -26.22 -5.33
CA ALA A 87 18.32 -25.17 -5.66
C ALA A 87 16.90 -25.69 -5.50
N TYR A 88 15.98 -24.77 -5.13
CA TYR A 88 14.56 -25.08 -4.89
C TYR A 88 13.70 -24.12 -5.66
N PHE A 89 12.75 -24.66 -6.43
CA PHE A 89 11.82 -23.84 -7.25
C PHE A 89 10.36 -24.03 -6.89
N PHE A 90 9.56 -22.95 -6.95
CA PHE A 90 8.15 -23.13 -6.76
C PHE A 90 7.64 -23.86 -7.98
N HIS A 91 6.51 -24.58 -7.85
CA HIS A 91 5.93 -25.24 -9.03
C HIS A 91 5.45 -24.18 -10.05
N PRO A 92 5.94 -24.26 -11.30
CA PRO A 92 5.60 -23.26 -12.33
C PRO A 92 4.13 -23.38 -12.72
N ASP A 93 3.54 -22.28 -13.21
CA ASP A 93 2.13 -22.25 -13.57
C ASP A 93 1.85 -22.73 -14.99
N ASN A 94 2.86 -22.81 -15.83
CA ASN A 94 2.66 -23.25 -17.21
C ASN A 94 3.92 -23.88 -17.72
N GLN A 95 3.88 -24.41 -18.94
CA GLN A 95 5.01 -25.19 -19.45
C GLN A 95 6.16 -24.31 -19.91
N GLU A 96 5.84 -23.11 -20.40
CA GLU A 96 6.89 -22.19 -20.80
C GLU A 96 7.73 -21.82 -19.56
N ASP A 97 7.07 -21.33 -18.51
CA ASP A 97 7.78 -21.00 -17.25
C ASP A 97 8.59 -22.21 -16.72
N ALA A 98 8.01 -23.42 -16.80
CA ALA A 98 8.68 -24.64 -16.35
C ALA A 98 9.98 -24.82 -17.11
N GLU A 99 9.92 -24.48 -18.40
CA GLU A 99 11.09 -24.61 -19.23
C GLU A 99 12.10 -23.49 -18.92
N ALA A 100 11.60 -22.29 -18.69
CA ALA A 100 12.48 -21.15 -18.38
C ALA A 100 13.33 -21.42 -17.15
N ILE A 101 12.72 -21.90 -16.07
CA ILE A 101 13.51 -22.05 -14.83
C ILE A 101 14.64 -23.11 -14.92
N THR A 102 14.58 -23.99 -15.92
CA THR A 102 15.69 -24.93 -16.07
C THR A 102 17.00 -24.25 -16.43
N HIS A 103 16.96 -22.97 -16.78
CA HIS A 103 18.19 -22.24 -17.11
C HIS A 103 18.80 -21.55 -15.88
N LEU A 104 18.19 -21.79 -14.73
CA LEU A 104 18.62 -21.21 -13.46
C LEU A 104 19.41 -22.23 -12.62
N PHE A 105 20.52 -21.77 -12.06
CA PHE A 105 21.31 -22.57 -11.13
C PHE A 105 21.78 -23.86 -11.79
N THR A 106 22.03 -23.81 -13.10
CA THR A 106 22.43 -24.98 -13.85
C THR A 106 23.75 -25.55 -13.33
N ASP A 107 24.44 -24.74 -12.54
CA ASP A 107 25.69 -25.07 -11.85
C ASP A 107 25.51 -26.02 -10.67
N VAL A 108 24.30 -26.06 -10.13
CA VAL A 108 24.03 -26.67 -8.82
C VAL A 108 23.88 -28.19 -8.99
N GLN A 109 24.28 -28.97 -8.00
CA GLN A 109 24.22 -30.44 -8.14
C GLN A 109 22.84 -31.03 -7.95
N ASN A 110 22.07 -30.38 -7.09
CA ASN A 110 20.72 -30.80 -6.74
C ASN A 110 19.66 -29.75 -7.01
N ARG A 111 18.68 -30.12 -7.84
CA ARG A 111 17.60 -29.15 -8.13
C ARG A 111 16.22 -29.74 -7.88
N TYR A 112 15.48 -29.08 -7.00
CA TYR A 112 14.19 -29.60 -6.53
C TYR A 112 13.10 -28.65 -6.96
N THR A 113 12.01 -29.20 -7.48
CA THR A 113 10.82 -28.35 -7.75
C THR A 113 9.74 -28.73 -6.74
N PHE A 114 9.32 -27.77 -5.95
CA PHE A 114 8.26 -28.01 -4.95
C PHE A 114 6.95 -28.43 -5.63
N ALA A 115 6.13 -29.15 -4.87
CA ALA A 115 4.82 -29.48 -5.39
C ALA A 115 3.82 -28.31 -5.26
N PHE A 116 4.25 -27.15 -4.76
CA PHE A 116 3.30 -26.06 -4.54
C PHE A 116 3.86 -24.78 -5.20
N GLY A 117 2.95 -23.85 -5.56
CA GLY A 117 3.31 -22.55 -6.13
C GLY A 117 3.73 -21.57 -5.05
N GLY A 118 4.26 -20.40 -5.44
CA GLY A 118 4.76 -19.45 -4.45
C GLY A 118 3.80 -18.26 -4.15
N ASN A 119 2.52 -18.41 -4.48
CA ASN A 119 1.52 -17.35 -4.28
C ASN A 119 1.20 -17.22 -2.79
N TYR A 120 0.79 -16.03 -2.32
CA TYR A 120 0.66 -15.85 -0.87
C TYR A 120 -0.36 -16.82 -0.27
N ASP A 121 -1.44 -17.04 -0.98
CA ASP A 121 -2.51 -17.93 -0.50
C ASP A 121 -1.91 -19.32 -0.12
N ARG A 122 -1.13 -19.90 -1.03
CA ARG A 122 -0.47 -21.20 -0.73
C ARG A 122 0.54 -21.07 0.40
N LEU A 123 1.35 -20.04 0.37
CA LEU A 123 2.35 -19.93 1.41
C LEU A 123 1.74 -19.73 2.81
N GLU A 124 0.70 -18.91 2.91
CA GLU A 124 0.01 -18.69 4.18
C GLU A 124 -0.56 -20.01 4.70
N GLN A 125 -1.02 -20.83 3.77
CA GLN A 125 -1.63 -22.11 4.15
C GLN A 125 -0.55 -23.01 4.69
N LEU A 126 0.62 -23.04 4.02
CA LEU A 126 1.72 -23.88 4.48
C LEU A 126 2.30 -23.37 5.80
N ALA A 127 2.46 -22.06 5.88
CA ALA A 127 2.94 -21.44 7.11
C ALA A 127 1.97 -21.56 8.32
N GLY A 128 0.65 -21.74 8.06
CA GLY A 128 -0.36 -21.69 9.12
C GLY A 128 -0.49 -20.32 9.75
N ASN A 129 -0.17 -19.28 8.99
CA ASN A 129 -0.33 -17.92 9.41
C ASN A 129 -0.52 -16.97 8.22
N LEU A 130 -1.30 -15.94 8.42
CA LEU A 130 -1.50 -14.87 7.44
C LEU A 130 -0.39 -13.83 7.41
N ARG A 131 -0.22 -13.16 6.27
CA ARG A 131 0.69 -12.02 6.22
C ARG A 131 0.48 -11.03 7.38
N GLU A 132 -0.78 -10.80 7.74
CA GLU A 132 -1.17 -9.87 8.78
C GLU A 132 -0.47 -10.15 10.11
N ASN A 133 -0.13 -11.42 10.31
CA ASN A 133 0.51 -11.93 11.52
C ASN A 133 2.00 -12.18 11.46
N ILE A 134 2.62 -11.89 10.31
CA ILE A 134 4.03 -12.23 10.12
C ILE A 134 4.89 -10.96 10.13
N GLU A 135 5.70 -10.74 11.19
CA GLU A 135 6.46 -9.46 11.26
C GLU A 135 7.57 -9.39 10.17
N LEU A 136 7.83 -8.16 9.69
CA LEU A 136 8.80 -7.79 8.68
C LEU A 136 9.74 -6.76 9.32
N GLY A 137 10.96 -6.71 8.80
CA GLY A 137 11.96 -5.75 9.22
C GLY A 137 13.28 -6.50 9.09
N ASN A 138 14.32 -5.87 9.54
CA ASN A 138 15.67 -6.48 9.31
C ASN A 138 15.82 -7.76 10.14
N GLY A 139 15.28 -7.79 11.35
CA GLY A 139 15.34 -8.97 12.19
C GLY A 139 14.65 -10.16 11.51
N PRO A 140 13.42 -9.96 11.07
CA PRO A 140 12.80 -11.10 10.38
C PRO A 140 13.52 -11.52 9.13
N LEU A 141 14.19 -10.60 8.44
CA LEU A 141 14.81 -10.99 7.18
C LEU A 141 16.10 -11.80 7.50
N GLU A 142 16.82 -11.34 8.55
CA GLU A 142 18.00 -11.99 9.07
C GLU A 142 17.63 -13.46 9.36
N GLU A 143 16.50 -13.65 10.03
N GLU A 143 16.49 -13.68 10.02
CA GLU A 143 16.04 -14.98 10.41
CA GLU A 143 16.09 -15.03 10.43
C GLU A 143 15.66 -15.79 9.18
C GLU A 143 15.55 -15.84 9.24
N ALA A 144 14.89 -15.16 8.30
CA ALA A 144 14.37 -15.83 7.10
C ALA A 144 15.50 -16.36 6.26
N ILE A 145 16.56 -15.56 6.12
CA ILE A 145 17.76 -16.05 5.38
C ILE A 145 18.33 -17.32 6.00
N SER A 146 18.46 -17.36 7.34
CA SER A 146 18.98 -18.57 8.02
C SER A 146 18.04 -19.74 7.73
N ALA A 147 16.74 -19.52 7.82
CA ALA A 147 15.78 -20.58 7.62
C ALA A 147 15.88 -21.15 6.19
N LEU A 148 16.00 -20.26 5.22
N LEU A 148 15.99 -20.28 5.18
CA LEU A 148 16.13 -20.67 3.82
CA LEU A 148 16.10 -20.79 3.82
C LEU A 148 17.40 -21.52 3.64
C LEU A 148 17.40 -21.59 3.70
N TYR A 149 18.49 -21.10 4.28
CA TYR A 149 19.75 -21.81 4.17
C TYR A 149 19.64 -23.18 4.76
N TYR A 150 19.11 -23.26 5.98
CA TYR A 150 19.12 -24.57 6.65
C TYR A 150 18.06 -25.52 6.09
N TYR A 151 17.16 -25.04 5.24
CA TYR A 151 16.26 -25.97 4.56
C TYR A 151 17.10 -27.00 3.82
N SER A 152 18.22 -26.52 3.28
CA SER A 152 19.17 -27.33 2.51
C SER A 152 19.98 -28.40 3.30
N THR A 153 20.10 -28.24 4.61
CA THR A 153 20.66 -29.20 5.56
C THR A 153 19.64 -30.05 6.33
N GLY A 154 18.36 -29.83 6.06
CA GLY A 154 17.24 -30.41 6.79
C GLY A 154 16.95 -29.82 8.15
N GLY A 155 17.41 -28.60 8.42
CA GLY A 155 17.20 -28.02 9.73
C GLY A 155 15.93 -27.15 9.78
N THR A 156 15.26 -27.00 8.65
CA THR A 156 14.08 -26.13 8.59
C THR A 156 12.86 -26.91 8.14
N GLN A 157 11.78 -26.81 8.93
CA GLN A 157 10.52 -27.50 8.67
C GLN A 157 9.76 -26.70 7.63
N LEU A 158 8.91 -27.37 6.88
CA LEU A 158 8.18 -26.68 5.82
C LEU A 158 7.40 -25.38 6.21
N PRO A 159 6.69 -25.41 7.35
CA PRO A 159 5.91 -24.17 7.67
C PRO A 159 6.83 -22.98 7.90
N THR A 160 7.98 -23.22 8.55
CA THR A 160 8.96 -22.15 8.74
C THR A 160 9.58 -21.70 7.41
N LEU A 161 9.80 -22.64 6.48
CA LEU A 161 10.28 -22.25 5.15
C LEU A 161 9.22 -21.36 4.44
N ALA A 162 7.98 -21.78 4.48
CA ALA A 162 6.85 -20.93 3.93
C ALA A 162 6.83 -19.55 4.56
N ARG A 163 6.87 -19.48 5.88
CA ARG A 163 6.92 -18.16 6.51
C ARG A 163 8.10 -17.29 6.09
N SER A 164 9.29 -17.91 5.96
CA SER A 164 10.50 -17.21 5.55
C SER A 164 10.36 -16.75 4.09
N PHE A 165 9.77 -17.57 3.21
CA PHE A 165 9.46 -17.09 1.83
C PHE A 165 8.55 -15.84 1.85
N ILE A 166 7.53 -15.87 2.73
CA ILE A 166 6.56 -14.76 2.84
C ILE A 166 7.33 -13.47 3.24
N ILE A 167 8.29 -13.62 4.14
CA ILE A 167 9.11 -12.46 4.50
C ILE A 167 10.00 -11.98 3.33
N CYS A 168 10.69 -12.93 2.69
CA CYS A 168 11.63 -12.54 1.62
C CYS A 168 10.89 -11.88 0.42
N ILE A 169 9.80 -12.50 -0.02
CA ILE A 169 9.03 -11.95 -1.13
C ILE A 169 8.55 -10.52 -0.86
N GLN A 170 8.18 -10.27 0.39
CA GLN A 170 7.65 -8.94 0.65
C GLN A 170 8.74 -7.87 0.70
N MET A 171 9.88 -8.23 1.31
CA MET A 171 10.96 -7.27 1.55
C MET A 171 11.82 -7.07 0.36
N ILE A 172 11.67 -7.96 -0.63
CA ILE A 172 12.44 -7.87 -1.86
C ILE A 172 11.51 -7.61 -3.05
N SER A 173 10.67 -8.58 -3.40
CA SER A 173 9.83 -8.39 -4.59
C SER A 173 8.84 -7.25 -4.43
N GLU A 174 8.07 -7.21 -3.33
CA GLU A 174 7.03 -6.17 -3.19
C GLU A 174 7.67 -4.81 -2.97
N ALA A 175 8.84 -4.78 -2.32
CA ALA A 175 9.54 -3.50 -2.11
C ALA A 175 9.99 -2.98 -3.47
N ALA A 176 10.39 -3.90 -4.34
CA ALA A 176 10.89 -3.49 -5.67
C ALA A 176 9.71 -2.92 -6.48
N ARG A 177 8.59 -3.60 -6.41
CA ARG A 177 7.32 -3.17 -7.09
C ARG A 177 6.74 -1.86 -6.58
N PHE A 178 6.86 -1.58 -5.28
CA PHE A 178 6.16 -0.41 -4.73
C PHE A 178 7.13 0.47 -3.91
N GLN A 179 7.35 1.74 -4.30
CA GLN A 179 8.11 2.62 -3.39
C GLN A 179 7.47 2.68 -2.00
N TYR A 180 6.16 2.58 -1.95
CA TYR A 180 5.48 2.68 -0.67
C TYR A 180 5.92 1.54 0.24
N ILE A 181 6.04 0.35 -0.32
CA ILE A 181 6.50 -0.78 0.48
C ILE A 181 8.00 -0.74 0.81
N GLU A 182 8.86 -0.33 -0.12
CA GLU A 182 10.27 -0.05 0.19
C GLU A 182 10.29 0.93 1.40
N GLY A 183 9.45 1.98 1.36
CA GLY A 183 9.36 2.99 2.42
C GLY A 183 9.00 2.37 3.79
N GLU A 184 8.11 1.41 3.76
CA GLU A 184 7.69 0.72 4.96
C GLU A 184 8.84 -0.08 5.56
N MET A 185 9.66 -0.67 4.70
CA MET A 185 10.81 -1.41 5.20
C MET A 185 11.90 -0.45 5.68
N ARG A 186 12.07 0.68 5.00
CA ARG A 186 13.04 1.69 5.42
C ARG A 186 12.75 2.14 6.85
N THR A 187 11.47 2.39 7.11
CA THR A 187 11.07 2.94 8.39
C THR A 187 11.37 1.90 9.46
N ARG A 188 11.16 0.64 9.12
CA ARG A 188 11.39 -0.41 10.10
C ARG A 188 12.89 -0.44 10.45
N ILE A 189 13.75 -0.24 9.45
CA ILE A 189 15.19 -0.23 9.75
C ILE A 189 15.54 1.03 10.58
N ARG A 190 14.99 2.17 10.18
CA ARG A 190 15.31 3.45 10.80
C ARG A 190 15.06 3.33 12.31
N TYR A 191 13.93 2.72 12.66
CA TYR A 191 13.49 2.61 14.06
C TYR A 191 13.83 1.26 14.69
N ASN A 192 14.52 0.41 13.94
CA ASN A 192 14.93 -0.89 14.47
C ASN A 192 13.70 -1.67 14.94
N ARG A 193 12.66 -1.61 14.11
CA ARG A 193 11.36 -2.14 14.45
C ARG A 193 11.16 -3.41 13.62
N ARG A 194 10.44 -4.37 14.19
CA ARG A 194 9.83 -5.44 13.39
C ARG A 194 8.31 -5.32 13.62
N SER A 195 7.52 -5.40 12.56
CA SER A 195 6.08 -5.38 12.73
C SER A 195 5.44 -5.95 11.45
N ALA A 196 4.22 -6.48 11.54
CA ALA A 196 3.60 -7.05 10.34
C ALA A 196 3.09 -5.95 9.43
N PRO A 197 2.87 -6.28 8.17
CA PRO A 197 2.37 -5.24 7.28
C PRO A 197 0.91 -4.86 7.58
N ASP A 198 0.65 -3.56 7.59
CA ASP A 198 -0.74 -3.12 7.81
C ASP A 198 -1.58 -3.26 6.53
N PRO A 199 -2.84 -2.99 6.61
CA PRO A 199 -3.78 -3.17 5.49
C PRO A 199 -3.42 -2.37 4.25
N SER A 200 -2.88 -1.17 4.42
CA SER A 200 -2.37 -0.40 3.29
C SER A 200 -1.39 -1.26 2.46
N VAL A 201 -0.42 -1.96 3.10
CA VAL A 201 0.58 -2.72 2.38
C VAL A 201 -0.08 -3.96 1.76
N ILE A 202 -0.89 -4.65 2.56
CA ILE A 202 -1.49 -5.90 2.13
C ILE A 202 -2.36 -5.66 0.90
N THR A 203 -3.20 -4.63 0.94
CA THR A 203 -3.97 -4.33 -0.25
C THR A 203 -3.19 -3.92 -1.50
N LEU A 204 -2.13 -3.16 -1.36
CA LEU A 204 -1.27 -2.93 -2.52
C LEU A 204 -0.68 -4.23 -3.11
N GLU A 205 -0.17 -5.11 -2.25
CA GLU A 205 0.39 -6.38 -2.70
C GLU A 205 -0.70 -7.15 -3.48
N ASN A 206 -1.91 -7.17 -2.94
CA ASN A 206 -3.00 -7.97 -3.52
C ASN A 206 -3.44 -7.35 -4.83
N SER A 207 -3.22 -6.05 -4.95
CA SER A 207 -3.72 -5.30 -6.11
C SER A 207 -2.76 -5.00 -7.25
N TRP A 208 -1.50 -5.41 -7.09
CA TRP A 208 -0.47 -4.99 -8.03
C TRP A 208 -0.81 -5.34 -9.48
N GLY A 209 -1.28 -6.57 -9.69
CA GLY A 209 -1.82 -6.94 -10.99
C GLY A 209 -2.95 -6.07 -11.53
N ARG A 210 -3.97 -5.80 -10.71
CA ARG A 210 -5.10 -4.97 -11.14
C ARG A 210 -4.69 -3.54 -11.42
N LEU A 211 -3.81 -3.01 -10.57
CA LEU A 211 -3.32 -1.67 -10.79
C LEU A 211 -2.53 -1.60 -12.10
N SER A 212 -1.79 -2.64 -12.45
CA SER A 212 -0.95 -2.58 -13.64
C SER A 212 -1.88 -2.46 -14.82
N THR A 213 -2.93 -3.26 -14.79
CA THR A 213 -3.93 -3.22 -15.85
C THR A 213 -4.64 -1.87 -15.94
N ALA A 214 -5.11 -1.35 -14.82
CA ALA A 214 -5.92 -0.14 -14.81
C ALA A 214 -5.07 0.98 -15.40
N ILE A 215 -3.81 1.02 -15.00
CA ILE A 215 -2.93 2.10 -15.43
C ILE A 215 -2.71 2.03 -16.95
N GLN A 216 -2.43 0.83 -17.43
CA GLN A 216 -2.13 0.65 -18.84
C GLN A 216 -3.32 0.81 -19.76
N GLU A 217 -4.51 0.57 -19.24
CA GLU A 217 -5.76 0.76 -20.01
C GLU A 217 -6.46 2.10 -19.80
N SER A 218 -5.85 2.98 -19.02
CA SER A 218 -6.48 4.26 -18.70
C SER A 218 -6.59 5.21 -19.88
N ASN A 219 -7.56 6.12 -19.83
CA ASN A 219 -7.57 7.17 -20.83
C ASN A 219 -6.81 8.37 -20.26
N GLN A 220 -5.61 8.60 -20.81
CA GLN A 220 -4.71 9.65 -20.32
C GLN A 220 -4.51 9.56 -18.81
N GLY A 221 -4.54 8.36 -18.26
CA GLY A 221 -4.40 8.20 -16.83
C GLY A 221 -5.69 8.02 -16.01
N ALA A 222 -6.85 8.36 -16.57
CA ALA A 222 -8.12 8.16 -15.88
C ALA A 222 -8.57 6.71 -16.00
N PHE A 223 -8.85 6.08 -14.87
CA PHE A 223 -9.18 4.66 -14.86
C PHE A 223 -10.59 4.40 -15.37
N ALA A 224 -10.77 3.31 -16.11
CA ALA A 224 -12.11 2.78 -16.31
C ALA A 224 -12.43 1.76 -15.20
N PRO A 226 -12.70 2.11 -11.20
CA PRO A 226 -11.71 2.43 -10.16
C PRO A 226 -11.20 1.19 -9.44
N ILE A 227 -10.12 1.36 -8.68
CA ILE A 227 -9.51 0.25 -7.93
C ILE A 227 -9.62 0.56 -6.45
N GLN A 228 -10.12 -0.40 -5.68
CA GLN A 228 -10.30 -0.19 -4.25
C GLN A 228 -9.03 -0.65 -3.50
N LEU A 229 -8.46 0.26 -2.71
CA LEU A 229 -7.32 -0.02 -1.83
C LEU A 229 -7.75 0.19 -0.37
N GLN A 230 -6.83 0.00 0.59
CA GLN A 230 -7.12 0.32 2.00
C GLN A 230 -6.12 1.32 2.59
N ARG A 231 -6.59 2.17 3.49
CA ARG A 231 -5.76 3.08 4.28
C ARG A 231 -5.12 2.24 5.38
N ARG A 232 -4.28 2.84 6.22
CA ARG A 232 -3.59 2.06 7.23
C ARG A 232 -4.56 1.53 8.28
N ASN A 233 -5.69 2.20 8.46
CA ASN A 233 -6.68 1.83 9.48
C ASN A 233 -7.66 0.82 8.90
N GLY A 234 -7.39 0.41 7.66
CA GLY A 234 -8.19 -0.59 7.00
C GLY A 234 -9.45 -0.08 6.34
N SER A 235 -9.74 1.22 6.45
CA SER A 235 -10.91 1.78 5.73
C SER A 235 -10.64 1.78 4.21
N LYS A 236 -11.70 1.64 3.43
CA LYS A 236 -11.59 1.46 1.99
C LYS A 236 -11.50 2.79 1.29
N PHE A 237 -10.63 2.90 0.29
CA PHE A 237 -10.71 4.01 -0.66
C PHE A 237 -10.50 3.58 -2.11
N SER A 238 -11.04 4.39 -3.01
CA SER A 238 -11.02 4.11 -4.44
C SER A 238 -9.92 4.96 -5.08
N VAL A 239 -9.12 4.34 -5.94
CA VAL A 239 -8.24 5.11 -6.80
C VAL A 239 -8.88 5.24 -8.19
N TYR A 240 -9.06 6.48 -8.63
CA TYR A 240 -9.57 6.75 -9.97
C TYR A 240 -8.60 7.11 -11.09
N ASP A 241 -7.36 7.38 -10.70
CA ASP A 241 -6.44 8.06 -11.60
C ASP A 241 -4.99 7.65 -11.28
N VAL A 242 -4.12 7.60 -12.29
CA VAL A 242 -2.75 7.21 -12.03
C VAL A 242 -1.95 8.24 -11.22
N SER A 243 -2.33 9.51 -11.30
CA SER A 243 -1.51 10.55 -10.67
C SER A 243 -1.16 10.22 -9.20
N ILE A 244 -2.12 9.68 -8.45
CA ILE A 244 -1.95 9.47 -7.02
C ILE A 244 -0.92 8.37 -6.73
N LEU A 245 -0.75 7.50 -7.73
CA LEU A 245 0.09 6.33 -7.61
C LEU A 245 1.58 6.56 -7.97
N ILE A 246 1.90 7.73 -8.52
CA ILE A 246 3.29 8.06 -8.86
C ILE A 246 4.37 7.78 -7.77
N PRO A 247 4.21 8.30 -6.54
CA PRO A 247 5.09 7.96 -5.39
C PRO A 247 4.94 6.51 -4.84
N ILE A 248 3.90 5.78 -5.30
CA ILE A 248 3.43 4.49 -4.73
C ILE A 248 3.95 3.25 -5.43
N ILE A 249 3.66 3.15 -6.72
CA ILE A 249 4.01 1.98 -7.54
C ILE A 249 5.22 2.25 -8.45
N ALA A 250 6.27 1.45 -8.23
CA ALA A 250 7.55 1.62 -8.92
C ALA A 250 7.66 0.94 -10.32
N LEU A 251 7.00 -0.19 -10.50
CA LEU A 251 6.95 -0.81 -11.81
C LEU A 251 5.74 -1.72 -11.96
N MET A 252 5.42 -2.08 -13.20
CA MET A 252 4.19 -2.79 -13.50
C MET A 252 4.38 -3.98 -14.39
N VAL A 253 3.58 -5.02 -14.23
CA VAL A 253 3.61 -6.10 -15.19
C VAL A 253 3.08 -5.62 -16.55
N TYR A 254 3.73 -6.07 -17.61
CA TYR A 254 3.29 -5.67 -18.96
C TYR A 254 1.89 -6.23 -19.23
N ARG A 255 1.00 -5.37 -19.73
CA ARG A 255 -0.39 -5.75 -20.00
C ARG A 255 -0.69 -5.59 -21.48
N CYS A 256 -0.46 -4.39 -22.00
CA CYS A 256 -0.74 -4.14 -23.42
C CYS A 256 0.33 -3.29 -24.11
N ALA A 257 0.26 -3.22 -25.43
CA ALA A 257 1.22 -2.47 -26.19
C ALA A 257 1.23 -1.05 -25.69
N PRO A 258 2.40 -0.41 -25.77
CA PRO A 258 2.55 0.97 -25.28
C PRO A 258 1.92 1.98 -26.20
N PRO A 259 1.68 3.17 -25.65
CA PRO A 259 1.25 4.35 -26.42
C PRO A 259 2.21 4.67 -27.57
N GLN B 1 -6.92 21.48 -5.65
CA GLN B 1 -7.85 22.61 -5.79
C GLN B 1 -9.09 22.43 -4.95
N VAL B 2 -8.93 22.12 -3.68
CA VAL B 2 -10.06 21.88 -2.80
C VAL B 2 -10.92 23.15 -2.63
N GLN B 3 -12.24 22.97 -2.76
CA GLN B 3 -13.28 23.96 -2.45
C GLN B 3 -14.39 23.36 -1.61
N LEU B 4 -14.80 24.08 -0.56
CA LEU B 4 -15.93 23.67 0.25
C LEU B 4 -17.14 24.54 -0.10
N VAL B 5 -18.28 23.88 -0.25
CA VAL B 5 -19.54 24.61 -0.46
C VAL B 5 -20.43 24.28 0.70
N GLU B 6 -20.76 25.29 1.50
CA GLU B 6 -21.66 25.17 2.64
C GLU B 6 -23.11 25.57 2.25
N SER B 7 -24.11 24.80 2.72
CA SER B 7 -25.50 25.18 2.54
C SER B 7 -26.27 25.13 3.88
N GLY B 8 -27.42 25.80 3.93
CA GLY B 8 -28.20 25.77 5.16
C GLY B 8 -27.92 26.93 6.09
N GLY B 9 -28.63 26.96 7.23
CA GLY B 9 -28.53 28.05 8.19
C GLY B 9 -29.73 29.01 8.16
N GLY B 10 -29.59 30.16 8.83
CA GLY B 10 -30.63 31.15 8.91
C GLY B 10 -31.32 31.22 10.25
N LEU B 11 -32.43 31.94 10.26
CA LEU B 11 -33.22 32.20 11.43
C LEU B 11 -34.24 31.06 11.67
N VAL B 12 -34.33 30.53 12.89
CA VAL B 12 -35.25 29.41 13.16
C VAL B 12 -35.79 29.49 14.58
N GLN B 13 -37.01 29.00 14.81
CA GLN B 13 -37.60 29.12 16.15
C GLN B 13 -36.94 28.13 17.12
N ALA B 14 -36.88 28.50 18.39
CA ALA B 14 -36.47 27.53 19.41
C ALA B 14 -37.30 26.27 19.24
N GLY B 15 -36.65 25.11 19.25
CA GLY B 15 -37.42 23.86 19.21
C GLY B 15 -37.53 23.37 17.77
N GLY B 16 -37.12 24.20 16.83
CA GLY B 16 -37.28 23.84 15.44
C GLY B 16 -36.12 22.94 15.07
N SER B 17 -35.99 22.68 13.78
CA SER B 17 -34.85 21.93 13.31
C SER B 17 -34.48 22.43 11.91
N LEU B 18 -33.23 22.18 11.54
CA LEU B 18 -32.75 22.46 10.20
C LEU B 18 -31.57 21.55 9.92
N ARG B 19 -31.09 21.66 8.68
CA ARG B 19 -29.97 20.88 8.19
C ARG B 19 -28.90 21.75 7.60
N LEU B 20 -27.63 21.51 7.97
CA LEU B 20 -26.46 22.09 7.27
C LEU B 20 -25.84 21.03 6.38
N SER B 21 -25.37 21.44 5.21
CA SER B 21 -24.63 20.53 4.34
C SER B 21 -23.32 21.17 3.90
N CYS B 22 -22.32 20.32 3.72
CA CYS B 22 -21.02 20.76 3.19
C CYS B 22 -20.55 19.73 2.14
N ALA B 23 -20.02 20.19 1.01
CA ALA B 23 -19.56 19.30 -0.07
C ALA B 23 -18.23 19.81 -0.47
N ALA B 24 -17.26 18.90 -0.52
CA ALA B 24 -15.95 19.28 -0.92
C ALA B 24 -15.75 18.83 -2.37
N SER B 25 -15.24 19.73 -3.19
CA SER B 25 -14.79 19.35 -4.52
C SER B 25 -13.27 19.59 -4.61
N GLY B 26 -12.60 18.94 -5.57
CA GLY B 26 -11.20 19.22 -5.84
C GLY B 26 -10.23 18.37 -5.06
N SER B 27 -10.79 17.44 -4.30
CA SER B 27 -10.05 16.39 -3.65
C SER B 27 -10.23 15.14 -4.53
N ILE B 28 -9.09 14.61 -4.97
CA ILE B 28 -9.02 13.37 -5.74
C ILE B 28 -9.27 12.17 -4.83
N VAL B 29 -9.29 12.40 -3.53
CA VAL B 29 -9.44 11.30 -2.59
C VAL B 29 -10.53 11.68 -1.61
N ASN B 30 -11.09 10.71 -0.90
CA ASN B 30 -12.16 10.98 0.06
C ASN B 30 -11.58 11.60 1.32
N PHE B 31 -12.40 12.39 1.99
CA PHE B 31 -12.00 13.00 3.24
C PHE B 31 -11.57 11.99 4.31
N GLU B 32 -10.60 12.41 5.10
CA GLU B 32 -10.18 11.69 6.28
C GLU B 32 -11.16 11.94 7.44
N THR B 33 -11.42 13.21 7.68
CA THR B 33 -12.43 13.69 8.63
C THR B 33 -13.14 14.89 8.01
N MET B 34 -14.44 15.00 8.26
CA MET B 34 -15.22 16.15 7.80
C MET B 34 -16.29 16.48 8.82
N GLY B 35 -16.60 17.77 8.97
CA GLY B 35 -17.69 18.11 9.88
C GLY B 35 -17.79 19.59 10.17
N TRP B 36 -18.36 19.95 11.31
CA TRP B 36 -18.60 21.35 11.64
C TRP B 36 -18.00 21.75 12.95
N TYR B 37 -17.53 22.98 12.97
CA TYR B 37 -17.13 23.70 14.17
C TYR B 37 -18.07 24.91 14.25
N ARG B 38 -18.26 25.47 15.43
CA ARG B 38 -19.07 26.69 15.45
C ARG B 38 -18.43 27.68 16.36
N GLN B 39 -18.68 28.96 16.12
CA GLN B 39 -18.16 29.99 17.00
C GLN B 39 -19.31 30.88 17.40
N ALA B 40 -19.65 30.80 18.67
CA ALA B 40 -20.63 31.69 19.23
C ALA B 40 -19.92 33.01 19.56
N PRO B 41 -20.59 34.13 19.30
CA PRO B 41 -19.90 35.39 19.57
C PRO B 41 -19.49 35.53 21.04
N GLY B 42 -18.30 36.06 21.27
CA GLY B 42 -17.72 36.13 22.61
C GLY B 42 -17.19 34.79 23.10
N LYS B 43 -17.15 33.81 22.20
CA LYS B 43 -16.66 32.46 22.51
C LYS B 43 -15.58 31.97 21.53
N GLU B 44 -14.86 30.93 21.94
CA GLU B 44 -13.87 30.30 21.10
C GLU B 44 -14.58 29.40 20.10
N ARG B 45 -13.97 29.16 18.94
CA ARG B 45 -14.53 28.20 18.00
C ARG B 45 -14.44 26.84 18.67
N GLU B 46 -15.46 26.01 18.49
CA GLU B 46 -15.49 24.72 19.16
C GLU B 46 -16.04 23.65 18.19
N LEU B 47 -15.56 22.43 18.36
CA LEU B 47 -16.08 21.31 17.58
C LEU B 47 -17.57 21.11 17.86
N VAL B 48 -18.35 20.86 16.78
CA VAL B 48 -19.75 20.49 16.95
C VAL B 48 -19.98 19.01 16.64
N ALA B 49 -19.71 18.63 15.40
CA ALA B 49 -19.80 17.25 15.00
C ALA B 49 -18.89 17.03 13.83
N THR B 50 -18.21 15.87 13.86
CA THR B 50 -17.34 15.41 12.81
C THR B 50 -17.56 13.91 12.58
N ILE B 51 -17.24 13.47 11.39
CA ILE B 51 -17.30 12.06 11.05
C ILE B 51 -16.01 11.67 10.27
N THR B 52 -15.59 10.44 10.43
CA THR B 52 -14.36 9.99 9.74
C THR B 52 -14.69 9.16 8.53
N ASN B 53 -13.63 8.75 7.82
CA ASN B 53 -13.78 7.90 6.66
C ASN B 53 -14.35 6.54 7.09
N GLU B 54 -13.93 6.05 8.27
CA GLU B 54 -14.50 4.85 8.92
C GLU B 54 -15.96 5.03 9.36
N GLY B 55 -16.48 6.25 9.24
CA GLY B 55 -17.85 6.56 9.57
C GLY B 55 -18.07 6.76 11.06
N SER B 56 -16.99 6.91 11.81
CA SER B 56 -17.12 7.15 13.25
C SER B 56 -17.41 8.63 13.50
N SER B 57 -18.39 8.95 14.34
CA SER B 57 -18.77 10.35 14.57
C SER B 57 -18.33 10.83 15.94
N ASN B 58 -18.03 12.11 16.04
CA ASN B 58 -17.67 12.73 17.31
C ASN B 58 -18.55 13.96 17.52
N TYR B 59 -19.14 14.12 18.72
CA TYR B 59 -19.97 15.28 18.97
C TYR B 59 -19.57 16.06 20.19
N ALA B 60 -19.82 17.38 20.16
CA ALA B 60 -19.75 18.17 21.39
C ALA B 60 -20.74 17.61 22.43
N ASP B 61 -20.34 17.54 23.70
CA ASP B 61 -21.24 17.04 24.74
C ASP B 61 -22.60 17.74 24.70
N SER B 62 -22.62 19.04 24.38
CA SER B 62 -23.88 19.77 24.45
C SER B 62 -24.82 19.55 23.28
N VAL B 63 -24.34 19.01 22.18
CA VAL B 63 -25.26 18.69 21.09
C VAL B 63 -25.61 17.23 20.97
N LYS B 64 -24.97 16.43 21.79
CA LYS B 64 -25.11 14.98 21.69
C LYS B 64 -26.57 14.59 21.97
N GLY B 65 -27.15 13.82 21.05
CA GLY B 65 -28.53 13.37 21.12
C GLY B 65 -29.53 14.36 20.56
N ARG B 66 -29.02 15.48 20.08
CA ARG B 66 -29.78 16.60 19.49
C ARG B 66 -29.38 16.68 18.03
N PHE B 67 -28.07 16.73 17.77
CA PHE B 67 -27.55 16.84 16.40
C PHE B 67 -27.08 15.49 15.89
N THR B 68 -27.27 15.24 14.59
CA THR B 68 -26.73 14.03 13.99
C THR B 68 -25.94 14.37 12.76
N ILE B 69 -24.72 13.85 12.67
CA ILE B 69 -23.95 14.05 11.44
C ILE B 69 -24.04 12.76 10.61
N SER B 70 -24.08 12.86 9.29
CA SER B 70 -23.92 11.71 8.43
C SER B 70 -23.04 12.15 7.30
N GLY B 71 -22.51 11.19 6.55
CA GLY B 71 -21.53 11.57 5.55
C GLY B 71 -21.68 10.65 4.37
N ASP B 72 -21.15 11.09 3.24
CA ASP B 72 -21.03 10.19 2.12
C ASP B 72 -19.62 10.30 1.61
N ASN B 73 -18.83 9.25 1.82
CA ASN B 73 -17.41 9.27 1.48
C ASN B 73 -17.16 9.53 0.02
N ALA B 74 -17.78 8.71 -0.82
CA ALA B 74 -17.64 8.78 -2.27
C ALA B 74 -17.99 10.12 -2.91
N LYS B 75 -18.94 10.84 -2.32
CA LYS B 75 -19.28 12.20 -2.78
C LYS B 75 -18.60 13.32 -1.99
N ASN B 76 -17.81 12.96 -0.99
CA ASN B 76 -17.17 13.95 -0.14
C ASN B 76 -18.14 14.96 0.39
N THR B 77 -19.26 14.49 0.93
CA THR B 77 -20.25 15.41 1.50
C THR B 77 -20.58 15.01 2.92
N VAL B 78 -20.91 15.99 3.73
CA VAL B 78 -21.46 15.70 5.07
C VAL B 78 -22.75 16.50 5.28
N SER B 79 -23.62 16.00 6.14
CA SER B 79 -24.87 16.69 6.44
C SER B 79 -24.98 16.73 7.95
N LEU B 80 -25.41 17.86 8.51
CA LEU B 80 -25.67 17.94 9.94
C LEU B 80 -27.19 18.23 10.19
N GLN B 81 -27.88 17.29 10.87
CA GLN B 81 -29.30 17.45 11.14
C GLN B 81 -29.37 18.05 12.54
N MET B 82 -29.91 19.25 12.63
CA MET B 82 -29.98 19.93 13.94
C MET B 82 -31.42 19.97 14.44
N ASN B 83 -31.70 19.18 15.48
CA ASN B 83 -33.02 19.04 16.03
C ASN B 83 -33.02 19.74 17.37
N SER B 84 -34.21 20.19 17.80
CA SER B 84 -34.42 20.67 19.16
C SER B 84 -33.54 21.88 19.47
N LEU B 85 -33.46 22.80 18.53
CA LEU B 85 -32.57 23.93 18.64
C LEU B 85 -32.74 24.73 19.91
N LYS B 86 -31.64 25.21 20.47
CA LYS B 86 -31.67 25.89 21.76
C LYS B 86 -30.98 27.25 21.59
N PRO B 87 -31.16 28.18 22.54
CA PRO B 87 -30.38 29.44 22.46
C PRO B 87 -28.88 29.25 22.31
N GLU B 88 -28.28 28.29 22.99
CA GLU B 88 -26.85 28.06 22.89
C GLU B 88 -26.39 27.80 21.47
N ASP B 89 -27.32 27.41 20.61
CA ASP B 89 -26.96 27.01 19.26
C ASP B 89 -26.78 28.18 18.32
N THR B 90 -27.09 29.39 18.77
CA THR B 90 -26.87 30.53 17.90
C THR B 90 -25.36 30.76 17.72
N ALA B 91 -24.90 30.74 16.47
CA ALA B 91 -23.46 30.74 16.21
C ALA B 91 -23.24 30.77 14.71
N VAL B 92 -21.99 31.05 14.33
CA VAL B 92 -21.53 30.78 12.99
C VAL B 92 -20.99 29.37 12.93
N TYR B 93 -21.50 28.57 11.98
CA TYR B 93 -21.01 27.21 11.79
C TYR B 93 -20.13 27.12 10.56
N TYR B 94 -18.97 26.50 10.75
CA TYR B 94 -17.91 26.35 9.73
C TYR B 94 -17.71 24.91 9.36
N CYS B 95 -17.80 24.61 8.07
CA CYS B 95 -17.49 23.28 7.61
C CYS B 95 -15.96 23.13 7.65
N SER B 96 -15.49 21.94 8.01
CA SER B 96 -14.04 21.63 7.99
C SER B 96 -13.83 20.28 7.31
N ALA B 97 -12.77 20.17 6.51
CA ALA B 97 -12.44 18.91 5.88
C ALA B 97 -10.94 18.70 5.97
N THR B 98 -10.57 17.46 6.16
N THR B 98 -10.55 17.47 6.21
CA THR B 98 -9.15 17.10 6.13
CA THR B 98 -9.13 17.09 6.16
C THR B 98 -9.02 15.93 5.22
C THR B 98 -8.93 15.85 5.33
N PHE B 99 -7.93 15.93 4.46
CA PHE B 99 -7.65 14.85 3.51
C PHE B 99 -6.25 14.34 3.79
N GLY B 100 -6.04 13.01 3.63
CA GLY B 100 -4.74 12.38 3.87
C GLY B 100 -3.83 12.40 2.65
N SER B 101 -2.97 11.38 2.48
CA SER B 101 -1.91 11.43 1.45
C SER B 101 -2.49 11.24 0.06
N ARG B 102 -2.20 12.14 -0.86
CA ARG B 102 -2.34 11.83 -2.27
C ARG B 102 -1.36 12.78 -2.95
N TRP B 103 -0.66 12.28 -3.94
CA TRP B 103 0.50 13.04 -4.43
C TRP B 103 0.02 14.30 -5.12
N PRO B 104 0.72 15.44 -4.95
CA PRO B 104 1.96 15.58 -4.15
C PRO B 104 1.75 16.02 -2.70
N TYR B 105 0.71 15.58 -2.00
CA TYR B 105 0.48 16.07 -0.65
C TYR B 105 0.52 14.92 0.33
N ALA B 106 1.01 15.21 1.52
CA ALA B 106 0.93 14.28 2.65
C ALA B 106 -0.45 14.41 3.32
N HIS B 107 -0.95 15.64 3.42
CA HIS B 107 -2.33 15.94 3.91
C HIS B 107 -2.67 17.39 3.63
N SER B 108 -3.92 17.75 3.90
CA SER B 108 -4.38 19.13 3.80
C SER B 108 -5.61 19.26 4.65
N ASP B 109 -5.91 20.50 5.07
CA ASP B 109 -7.06 20.76 5.90
C ASP B 109 -7.67 22.03 5.33
N HIS B 110 -8.98 22.15 5.50
CA HIS B 110 -9.78 23.14 4.81
C HIS B 110 -10.90 23.62 5.71
N TRP B 111 -11.16 24.92 5.65
CA TRP B 111 -12.26 25.55 6.35
C TRP B 111 -13.14 26.26 5.35
N GLY B 112 -14.44 26.15 5.59
CA GLY B 112 -15.50 27.00 5.00
C GLY B 112 -15.50 28.42 5.57
N GLN B 113 -16.40 29.26 5.05
CA GLN B 113 -16.44 30.66 5.50
C GLN B 113 -17.55 30.93 6.48
N GLY B 114 -18.33 29.90 6.74
CA GLY B 114 -19.31 29.92 7.77
C GLY B 114 -20.72 30.29 7.34
N THR B 115 -21.69 29.71 8.04
N THR B 115 -21.69 29.67 8.01
CA THR B 115 -23.07 30.08 7.86
CA THR B 115 -23.08 30.06 7.87
C THR B 115 -23.71 30.16 9.24
C THR B 115 -23.64 30.20 9.27
N GLN B 116 -24.34 31.28 9.48
CA GLN B 116 -24.94 31.57 10.79
C GLN B 116 -26.24 30.84 10.93
N VAL B 117 -26.50 30.34 12.13
CA VAL B 117 -27.80 29.84 12.52
C VAL B 117 -28.21 30.70 13.71
N THR B 118 -29.37 31.32 13.60
CA THR B 118 -29.90 32.13 14.68
C THR B 118 -31.18 31.49 15.22
N VAL B 119 -31.15 31.11 16.48
CA VAL B 119 -32.36 30.60 17.10
C VAL B 119 -33.12 31.76 17.76
N SER B 120 -34.36 31.96 17.33
CA SER B 120 -35.23 33.09 17.70
C SER B 120 -35.72 32.87 19.11
CL CL C . -0.18 -24.29 -5.53
#